data_1E6S
#
_entry.id   1E6S
#
_cell.length_a   135.300
_cell.length_b   137.200
_cell.length_c   80.600
_cell.angle_alpha   90.00
_cell.angle_beta   90.00
_cell.angle_gamma   90.00
#
_symmetry.space_group_name_H-M   'C 2 2 21'
#
loop_
_entity.id
_entity.type
_entity.pdbx_description
1 polymer 'MYROSINASE MA1'
2 branched 2-acetamido-2-deoxy-beta-D-glucopyranose-(1-4)-2-acetamido-2-deoxy-beta-D-glucopyranose
3 branched beta-D-xylopyranose-(1-2)-beta-D-mannopyranose-(1-4)-2-acetamido-2-deoxy-beta-D-glucopyranose-(1-4)-[alpha-L-fucopyranose-(1-3)]2-acetamido-2-deoxy-beta-D-glucopyranose
4 branched beta-D-xylopyranose-(1-2)-[alpha-D-mannopyranose-(1-3)][alpha-D-mannopyranose-(1-6)]beta-D-mannopyranose-(1-4)-2-acetamido-2-deoxy-beta-D-glucopyranose-(1-4)-[alpha-L-fucopyranose-(1-3)]2-acetamido-2-deoxy-beta-D-glucopyranose
5 non-polymer 2-acetamido-2-deoxy-beta-D-glucopyranose
6 non-polymer (2S,3S,4R,5R)-6-(HYDROXYAMINO)-2-(HYDROXYMETHYL)-2,3,4,5-TETRAHYDROPYRIDINE-3,4,5-TRIOL
7 non-polymer 'ZINC ION'
8 non-polymer 'SULFATE ION'
9 non-polymer GLYCEROL
10 water water
#
_entity_poly.entity_id   1
_entity_poly.type   'polypeptide(L)'
_entity_poly.pdbx_seq_one_letter_code
;DEEITCQENLPFTCGNTDALNSSSFSSDFIFGVASSAYQIEGTIGRGLNIWDGFTHRYPNKSGPDHGNGDTTCDSFSYWQ
KDIDVLDELNATGYRFSIAWSRIIPRGKRSRGVNEKGIDYYHGLISGLIKKGITPFVTLFHWDLPQTLQDEYEGFLDPQI
IDDFKDYADLCFEEFGDSVKYWLTINQLYSVPTRGYGSALDAPGRCSPTVDPSCYAGNSSTEPYIVAHHQLLAHAKVVDL
YRKNYTHQGGKIGPTMITRWFLPYNDTDRHSIAATERMKEFFLGWFMGPLTNGTYPQIMIDTVGERLPSFSPEESNLVKG
SYDFLGLNYYFTQYAQPSPNPVNSTNHTAMMDAGAKLTYINASGHYIGPLFEKDKADSTDNIYYYPKGIYSVMDYFKNKY
YNPLIYVTENGISTPGDENRNQSMLDYTRIDYLCSHLCFLNKVIKEKDVNVKGYLAWALGDNYEFNKGFTVRFGLSYIDW
NNVTDRDLKKSGQWYQSFISP
;
_entity_poly.pdbx_strand_id   M
#
loop_
_chem_comp.id
_chem_comp.type
_chem_comp.name
_chem_comp.formula
BMA D-saccharide, beta linking beta-D-mannopyranose 'C6 H12 O6'
FUC L-saccharide, alpha linking alpha-L-fucopyranose 'C6 H12 O5'
GOL non-polymer GLYCEROL 'C3 H8 O3'
GOX non-polymer (2S,3S,4R,5R)-6-(HYDROXYAMINO)-2-(HYDROXYMETHYL)-2,3,4,5-TETRAHYDROPYRIDINE-3,4,5-TRIOL 'C6 H12 N2 O5'
MAN D-saccharide, alpha linking alpha-D-mannopyranose 'C6 H12 O6'
NAG D-saccharide, beta linking 2-acetamido-2-deoxy-beta-D-glucopyranose 'C8 H15 N O6'
SO4 non-polymer 'SULFATE ION' 'O4 S -2'
XYP D-saccharide, beta linking beta-D-xylopyranose 'C5 H10 O5'
ZN non-polymer 'ZINC ION' 'Zn 2'
#
# COMPACT_ATOMS: atom_id res chain seq x y z
N GLU A 3 11.53 -26.26 14.92
CA GLU A 3 11.97 -25.80 13.59
C GLU A 3 10.76 -25.69 12.65
N ILE A 4 10.66 -24.53 12.05
CA ILE A 4 9.52 -24.27 11.12
C ILE A 4 9.93 -24.47 9.68
N THR A 5 9.14 -25.23 8.97
CA THR A 5 9.33 -25.47 7.54
C THR A 5 8.10 -24.84 6.85
N CYS A 6 8.33 -24.06 5.82
CA CYS A 6 7.29 -23.43 5.04
C CYS A 6 7.48 -23.76 3.56
N GLN A 7 6.36 -23.96 2.91
CA GLN A 7 6.30 -24.29 1.49
C GLN A 7 6.45 -23.06 0.62
N GLU A 8 7.18 -23.22 -0.52
CA GLU A 8 7.35 -22.21 -1.49
C GLU A 8 6.59 -22.44 -2.78
N ASN A 9 6.13 -23.70 -2.97
CA ASN A 9 5.52 -24.09 -4.25
C ASN A 9 4.22 -24.80 -4.02
N LEU A 10 3.32 -24.76 -4.99
CA LEU A 10 2.14 -25.58 -4.89
C LEU A 10 2.51 -27.04 -4.86
N PRO A 11 1.73 -27.89 -4.20
CA PRO A 11 0.59 -27.53 -3.39
C PRO A 11 1.01 -27.07 -2.00
N PHE A 12 0.18 -26.22 -1.47
CA PHE A 12 0.39 -25.76 -0.09
C PHE A 12 -0.52 -26.62 0.82
N THR A 13 -0.05 -26.74 2.05
CA THR A 13 -0.83 -27.48 3.06
C THR A 13 -1.09 -26.62 4.26
N CYS A 14 -0.75 -25.31 4.18
CA CYS A 14 -0.85 -24.43 5.33
C CYS A 14 -2.24 -23.94 5.62
N GLY A 15 -3.25 -24.40 4.88
CA GLY A 15 -4.59 -24.04 5.13
C GLY A 15 -5.27 -24.86 6.24
N ASN A 16 -4.48 -25.79 6.78
CA ASN A 16 -4.96 -26.66 7.86
C ASN A 16 -4.60 -25.98 9.14
N THR A 17 -5.64 -25.50 9.81
CA THR A 17 -5.42 -24.74 11.04
C THR A 17 -4.95 -25.54 12.26
N ASP A 18 -4.84 -26.84 12.06
CA ASP A 18 -4.16 -27.70 13.00
C ASP A 18 -2.64 -27.43 12.96
N ALA A 19 -2.11 -27.04 11.82
CA ALA A 19 -0.71 -26.84 11.62
C ALA A 19 -0.30 -25.37 11.64
N LEU A 20 -1.19 -24.42 11.33
CA LEU A 20 -0.86 -23.01 11.35
C LEU A 20 -2.12 -22.26 11.76
N ASN A 21 -1.93 -21.44 12.87
CA ASN A 21 -3.06 -20.68 13.32
C ASN A 21 -2.57 -19.49 14.11
N SER A 22 -3.43 -18.67 14.66
CA SER A 22 -2.98 -17.49 15.37
C SER A 22 -2.17 -17.82 16.60
N SER A 23 -2.36 -18.98 17.21
CA SER A 23 -1.62 -19.38 18.38
C SER A 23 -0.19 -19.75 18.09
N SER A 24 0.12 -19.84 16.77
CA SER A 24 1.49 -20.05 16.34
C SER A 24 2.29 -18.77 16.61
N PHE A 25 1.66 -17.59 16.67
CA PHE A 25 2.21 -16.27 16.85
C PHE A 25 2.13 -15.85 18.31
N SER A 26 2.81 -14.75 18.73
CA SER A 26 2.70 -14.27 20.09
C SER A 26 1.29 -13.91 20.45
N SER A 27 0.92 -13.98 21.77
CA SER A 27 -0.46 -13.72 22.14
C SER A 27 -0.98 -12.35 21.71
N ASP A 28 -0.15 -11.37 21.74
CA ASP A 28 -0.60 -9.98 21.46
C ASP A 28 -0.70 -9.67 19.96
N PHE A 29 -0.33 -10.61 19.11
CA PHE A 29 -0.20 -10.33 17.68
C PHE A 29 -1.57 -9.95 17.10
N ILE A 30 -1.63 -8.91 16.30
CA ILE A 30 -2.89 -8.42 15.74
C ILE A 30 -3.12 -9.09 14.38
N PHE A 31 -4.34 -9.56 14.20
CA PHE A 31 -4.73 -10.10 12.90
C PHE A 31 -6.01 -9.38 12.41
N GLY A 32 -5.94 -8.97 11.13
CA GLY A 32 -7.18 -8.37 10.59
C GLY A 32 -7.05 -8.25 9.04
N VAL A 33 -7.73 -7.21 8.59
CA VAL A 33 -7.86 -6.94 7.15
C VAL A 33 -7.74 -5.41 6.95
N ALA A 34 -7.64 -5.07 5.69
CA ALA A 34 -7.41 -3.66 5.31
C ALA A 34 -8.30 -3.23 4.15
N SER A 35 -8.46 -1.89 4.03
CA SER A 35 -9.24 -1.30 2.97
C SER A 35 -8.69 0.11 2.76
N SER A 36 -9.24 0.79 1.73
CA SER A 36 -8.99 2.24 1.61
C SER A 36 -10.26 2.96 1.18
N ALA A 37 -10.29 4.25 1.45
CA ALA A 37 -11.53 5.00 1.33
C ALA A 37 -11.99 5.18 -0.08
N TYR A 38 -11.14 5.48 -1.07
CA TYR A 38 -11.61 5.59 -2.45
C TYR A 38 -12.24 4.32 -2.86
N GLN A 39 -11.57 3.23 -2.47
CA GLN A 39 -11.97 1.93 -2.95
C GLN A 39 -13.27 1.40 -2.40
N ILE A 40 -13.70 1.87 -1.23
CA ILE A 40 -14.86 1.31 -0.61
C ILE A 40 -15.99 2.27 -0.34
N GLU A 41 -15.81 3.59 -0.20
CA GLU A 41 -16.89 4.37 0.36
C GLU A 41 -17.97 4.79 -0.62
N GLY A 42 -17.55 5.29 -1.77
CA GLY A 42 -18.40 6.03 -2.70
C GLY A 42 -18.23 7.53 -2.45
N THR A 43 -18.63 8.28 -3.48
CA THR A 43 -18.53 9.74 -3.46
C THR A 43 -19.61 10.41 -2.63
N ILE A 44 -20.69 9.76 -2.29
CA ILE A 44 -21.73 10.39 -1.52
C ILE A 44 -21.13 10.98 -0.24
N GLY A 45 -21.49 12.28 0.00
CA GLY A 45 -21.05 12.90 1.20
C GLY A 45 -19.64 13.46 1.26
N ARG A 46 -18.92 13.38 0.16
CA ARG A 46 -17.57 13.94 0.14
C ARG A 46 -17.35 14.77 -1.14
N GLY A 47 -16.30 15.59 -1.05
CA GLY A 47 -15.81 16.33 -2.18
C GLY A 47 -15.12 15.37 -3.17
N LEU A 48 -14.63 15.99 -4.24
CA LEU A 48 -13.98 15.25 -5.28
C LEU A 48 -12.47 15.24 -5.15
N ASN A 49 -11.85 14.13 -5.43
CA ASN A 49 -10.39 13.95 -5.32
C ASN A 49 -9.80 13.56 -6.65
N ILE A 50 -8.49 13.40 -6.67
CA ILE A 50 -7.81 13.12 -7.93
C ILE A 50 -8.08 11.69 -8.44
N TRP A 51 -8.53 10.76 -7.62
CA TRP A 51 -8.91 9.47 -8.15
C TRP A 51 -10.26 9.62 -8.83
N ASP A 52 -11.18 10.44 -8.32
CA ASP A 52 -12.37 10.77 -9.09
C ASP A 52 -11.90 11.45 -10.42
N GLY A 53 -11.03 12.45 -10.29
CA GLY A 53 -10.68 13.20 -11.49
C GLY A 53 -10.05 12.32 -12.56
N PHE A 54 -9.08 11.49 -12.13
CA PHE A 54 -8.33 10.65 -13.04
C PHE A 54 -9.24 9.59 -13.67
N THR A 55 -10.05 8.92 -12.86
CA THR A 55 -10.86 7.90 -13.47
C THR A 55 -11.90 8.42 -14.43
N HIS A 56 -12.34 9.68 -14.21
CA HIS A 56 -13.35 10.31 -15.06
C HIS A 56 -12.71 10.95 -16.29
N ARG A 57 -11.52 11.52 -16.18
CA ARG A 57 -10.91 12.14 -17.33
C ARG A 57 -10.23 11.08 -18.25
N TYR A 58 -9.78 9.99 -17.67
CA TYR A 58 -9.04 8.94 -18.38
C TYR A 58 -9.70 7.62 -18.06
N PRO A 59 -10.93 7.40 -18.54
CA PRO A 59 -11.65 6.20 -18.11
C PRO A 59 -10.93 4.92 -18.49
N ASN A 60 -10.24 4.89 -19.62
CA ASN A 60 -9.57 3.63 -19.90
C ASN A 60 -8.41 3.35 -18.97
N LYS A 61 -7.94 4.28 -18.15
CA LYS A 61 -6.96 4.03 -17.13
C LYS A 61 -7.59 3.65 -15.79
N SER A 62 -8.88 3.85 -15.63
CA SER A 62 -9.51 3.48 -14.38
C SER A 62 -9.62 1.98 -14.26
N GLY A 63 -9.76 1.27 -15.39
CA GLY A 63 -9.90 -0.16 -15.39
C GLY A 63 -10.38 -0.53 -16.78
N PRO A 64 -10.24 -1.78 -17.16
CA PRO A 64 -10.76 -2.23 -18.46
C PRO A 64 -12.26 -2.02 -18.57
N ASP A 65 -13.00 -2.12 -17.50
CA ASP A 65 -14.46 -1.90 -17.46
C ASP A 65 -14.81 -0.45 -17.27
N HIS A 66 -13.81 0.43 -17.23
CA HIS A 66 -14.01 1.84 -16.97
C HIS A 66 -14.64 2.06 -15.58
N GLY A 67 -14.51 1.10 -14.68
CA GLY A 67 -15.08 1.21 -13.37
C GLY A 67 -14.39 2.26 -12.52
N ASN A 68 -15.09 2.76 -11.52
CA ASN A 68 -14.51 3.76 -10.62
C ASN A 68 -15.15 3.60 -9.24
N GLY A 69 -14.70 4.47 -8.33
CA GLY A 69 -15.13 4.48 -6.97
C GLY A 69 -16.39 5.29 -6.71
N ASP A 70 -17.23 5.57 -7.70
CA ASP A 70 -18.41 6.40 -7.47
C ASP A 70 -19.35 5.80 -6.42
N THR A 71 -19.61 4.51 -6.54
CA THR A 71 -20.51 3.87 -5.55
C THR A 71 -19.80 2.70 -4.92
N THR A 72 -19.08 1.89 -5.69
CA THR A 72 -18.32 0.79 -5.19
C THR A 72 -19.13 -0.02 -4.20
N CYS A 73 -18.61 -0.47 -3.09
CA CYS A 73 -19.32 -1.31 -2.12
C CYS A 73 -20.09 -0.47 -1.14
N ASP A 74 -20.11 0.87 -1.31
CA ASP A 74 -20.95 1.73 -0.52
C ASP A 74 -20.73 1.52 0.98
N SER A 75 -19.45 1.60 1.38
CA SER A 75 -19.15 1.58 2.80
C SER A 75 -19.53 2.88 3.45
N PHE A 76 -19.87 3.92 2.70
CA PHE A 76 -20.51 5.06 3.34
C PHE A 76 -21.81 4.64 4.02
N SER A 77 -22.63 3.87 3.26
CA SER A 77 -23.88 3.44 3.87
C SER A 77 -23.74 2.18 4.70
N TYR A 78 -22.85 1.33 4.35
CA TYR A 78 -22.77 -0.01 4.90
C TYR A 78 -21.54 -0.23 5.76
N TRP A 79 -21.04 0.83 6.39
CA TRP A 79 -19.88 0.63 7.31
C TRP A 79 -20.16 -0.36 8.44
N GLN A 80 -21.43 -0.45 8.87
CA GLN A 80 -21.69 -1.41 9.93
C GLN A 80 -21.50 -2.83 9.41
N LYS A 81 -21.81 -3.06 8.13
CA LYS A 81 -21.62 -4.39 7.57
C LYS A 81 -20.12 -4.73 7.48
N ASP A 82 -19.26 -3.69 7.31
CA ASP A 82 -17.82 -3.96 7.38
C ASP A 82 -17.40 -4.38 8.82
N ILE A 83 -17.91 -3.67 9.82
CA ILE A 83 -17.66 -4.05 11.19
C ILE A 83 -18.16 -5.46 11.45
N ASP A 84 -19.30 -5.83 10.89
CA ASP A 84 -19.84 -7.18 11.09
C ASP A 84 -18.90 -8.21 10.52
N VAL A 85 -18.30 -7.99 9.34
CA VAL A 85 -17.32 -8.91 8.81
C VAL A 85 -16.15 -9.12 9.79
N LEU A 86 -15.63 -8.01 10.29
CA LEU A 86 -14.52 -8.06 11.24
C LEU A 86 -14.87 -8.80 12.50
N ASP A 87 -16.10 -8.55 12.96
CA ASP A 87 -16.58 -9.25 14.15
C ASP A 87 -16.71 -10.73 13.87
N GLU A 88 -17.26 -11.13 12.73
CA GLU A 88 -17.34 -12.52 12.34
C GLU A 88 -15.95 -13.13 12.29
N LEU A 89 -14.95 -12.43 11.79
CA LEU A 89 -13.60 -12.94 11.76
C LEU A 89 -12.97 -13.00 13.14
N ASN A 90 -13.50 -12.34 14.16
CA ASN A 90 -12.80 -12.16 15.42
C ASN A 90 -11.50 -11.39 15.18
N ALA A 91 -11.51 -10.52 14.21
CA ALA A 91 -10.31 -9.75 13.90
C ALA A 91 -10.02 -8.83 15.10
N THR A 92 -8.72 -8.56 15.29
CA THR A 92 -8.29 -7.63 16.29
C THR A 92 -7.77 -6.36 15.70
N GLY A 93 -7.64 -6.29 14.39
CA GLY A 93 -7.24 -5.07 13.72
C GLY A 93 -7.97 -4.82 12.40
N TYR A 94 -8.10 -3.51 12.09
CA TYR A 94 -8.68 -3.14 10.81
C TYR A 94 -7.98 -1.90 10.35
N ARG A 95 -7.36 -1.98 9.17
CA ARG A 95 -6.76 -0.78 8.55
C ARG A 95 -7.73 -0.21 7.56
N PHE A 96 -8.06 1.05 7.72
CA PHE A 96 -8.88 1.76 6.77
C PHE A 96 -8.27 3.12 6.56
N SER A 97 -8.72 3.82 5.54
CA SER A 97 -8.21 5.19 5.37
C SER A 97 -9.33 6.23 5.55
N ILE A 98 -8.86 7.42 5.88
CA ILE A 98 -9.76 8.58 5.92
C ILE A 98 -9.64 9.29 4.57
N ALA A 99 -10.81 9.56 3.97
CA ALA A 99 -10.79 10.35 2.76
C ALA A 99 -10.64 11.81 3.15
N TRP A 100 -9.53 12.45 2.75
CA TRP A 100 -9.35 13.86 2.97
C TRP A 100 -10.55 14.64 2.45
N SER A 101 -11.05 14.29 1.25
CA SER A 101 -12.16 15.00 0.67
C SER A 101 -13.46 14.84 1.40
N ARG A 102 -13.57 13.85 2.34
CA ARG A 102 -14.78 13.70 3.14
C ARG A 102 -14.76 14.65 4.33
N ILE A 103 -13.59 14.91 4.92
CA ILE A 103 -13.53 15.77 6.11
C ILE A 103 -13.17 17.19 5.81
N ILE A 104 -12.39 17.42 4.77
CA ILE A 104 -12.08 18.80 4.31
C ILE A 104 -12.22 18.80 2.78
N PRO A 105 -13.50 18.85 2.29
CA PRO A 105 -13.77 18.82 0.88
C PRO A 105 -13.07 19.88 0.08
N ARG A 106 -12.77 21.05 0.68
CA ARG A 106 -12.06 22.14 0.02
C ARG A 106 -10.54 22.08 0.16
N GLY A 107 -10.06 20.96 0.67
CA GLY A 107 -8.63 20.70 0.74
C GLY A 107 -7.94 21.41 1.92
N LYS A 108 -7.93 22.73 1.89
CA LYS A 108 -7.26 23.52 2.87
C LYS A 108 -8.20 23.66 4.07
N ARG A 109 -7.73 23.32 5.31
CA ARG A 109 -8.55 23.25 6.48
C ARG A 109 -9.19 24.59 6.80
N SER A 110 -8.59 25.72 6.54
CA SER A 110 -9.20 27.01 6.86
C SER A 110 -10.45 27.25 6.07
N ARG A 111 -10.70 26.52 4.97
CA ARG A 111 -11.91 26.69 4.21
C ARG A 111 -13.09 25.95 4.81
N GLY A 112 -12.92 25.25 5.91
CA GLY A 112 -13.99 24.64 6.63
C GLY A 112 -13.89 23.11 6.57
N VAL A 113 -14.54 22.52 7.56
CA VAL A 113 -14.60 21.10 7.68
C VAL A 113 -15.99 20.60 7.38
N ASN A 114 -16.14 19.36 7.06
CA ASN A 114 -17.43 18.71 6.86
C ASN A 114 -17.74 17.96 8.12
N GLU A 115 -18.58 18.52 9.00
CA GLU A 115 -18.90 17.88 10.26
C GLU A 115 -19.52 16.52 10.03
N LYS A 116 -20.34 16.36 8.99
CA LYS A 116 -20.95 15.07 8.76
C LYS A 116 -19.92 14.01 8.39
N GLY A 117 -18.89 14.45 7.67
CA GLY A 117 -17.78 13.57 7.34
C GLY A 117 -17.07 13.09 8.55
N ILE A 118 -16.77 14.05 9.45
CA ILE A 118 -16.17 13.72 10.73
C ILE A 118 -17.00 12.71 11.53
N ASP A 119 -18.35 12.96 11.48
CA ASP A 119 -19.24 12.03 12.19
C ASP A 119 -19.18 10.62 11.64
N TYR A 120 -19.09 10.51 10.30
CA TYR A 120 -18.98 9.19 9.68
C TYR A 120 -17.76 8.44 10.26
N TYR A 121 -16.58 9.00 10.37
CA TYR A 121 -15.45 8.29 10.91
C TYR A 121 -15.57 8.07 12.40
N HIS A 122 -16.18 9.03 13.13
CA HIS A 122 -16.38 8.76 14.53
C HIS A 122 -17.24 7.50 14.77
N GLY A 123 -18.30 7.35 13.95
CA GLY A 123 -19.13 6.19 14.16
C GLY A 123 -18.45 4.91 13.85
N LEU A 124 -17.68 4.94 12.77
CA LEU A 124 -16.89 3.76 12.37
C LEU A 124 -15.92 3.36 13.50
N ILE A 125 -15.15 4.34 13.94
CA ILE A 125 -14.13 4.11 14.96
C ILE A 125 -14.79 3.60 16.27
N SER A 126 -15.90 4.25 16.68
CA SER A 126 -16.56 3.80 17.88
C SER A 126 -17.02 2.38 17.72
N GLY A 127 -17.56 2.05 16.54
CA GLY A 127 -18.10 0.70 16.35
C GLY A 127 -16.97 -0.32 16.34
N LEU A 128 -15.84 0.02 15.76
CA LEU A 128 -14.70 -0.90 15.80
C LEU A 128 -14.26 -1.18 17.24
N ILE A 129 -14.08 -0.08 17.96
CA ILE A 129 -13.60 -0.25 19.36
C ILE A 129 -14.58 -1.09 20.16
N LYS A 130 -15.87 -0.84 19.96
CA LYS A 130 -16.93 -1.60 20.71
C LYS A 130 -16.86 -3.09 20.45
N LYS A 131 -16.27 -3.53 19.34
CA LYS A 131 -16.09 -4.91 19.01
C LYS A 131 -14.65 -5.43 19.22
N GLY A 132 -13.84 -4.59 19.93
CA GLY A 132 -12.51 -5.04 20.25
C GLY A 132 -11.52 -5.02 19.13
N ILE A 133 -11.78 -4.18 18.13
CA ILE A 133 -10.96 -4.10 16.93
C ILE A 133 -10.09 -2.85 16.99
N THR A 134 -8.77 -3.04 16.88
CA THR A 134 -7.88 -1.89 16.90
C THR A 134 -7.83 -1.27 15.51
N PRO A 135 -8.15 0.04 15.39
CA PRO A 135 -8.02 0.74 14.13
C PRO A 135 -6.58 1.02 13.81
N PHE A 136 -6.20 0.92 12.53
CA PHE A 136 -4.95 1.35 11.96
C PHE A 136 -5.39 2.30 10.84
N VAL A 137 -5.17 3.59 10.99
CA VAL A 137 -5.82 4.54 10.09
C VAL A 137 -4.83 5.20 9.19
N THR A 138 -5.01 5.03 7.92
CA THR A 138 -4.21 5.69 6.90
C THR A 138 -4.76 7.08 6.61
N LEU A 139 -3.95 8.11 6.86
CA LEU A 139 -4.40 9.46 6.56
C LEU A 139 -4.54 9.73 5.05
N PHE A 140 -3.62 9.13 4.25
CA PHE A 140 -3.58 9.46 2.85
C PHE A 140 -3.37 8.23 2.02
N HIS A 141 -4.44 7.65 1.50
CA HIS A 141 -4.42 6.53 0.56
C HIS A 141 -4.69 7.03 -0.84
N TRP A 142 -3.98 8.07 -1.27
CA TRP A 142 -3.87 8.55 -2.64
C TRP A 142 -4.98 9.52 -3.05
N ASP A 143 -6.01 9.62 -2.30
CA ASP A 143 -7.20 10.40 -2.71
C ASP A 143 -7.11 11.87 -2.33
N LEU A 144 -6.20 12.54 -3.02
CA LEU A 144 -5.97 13.96 -2.76
C LEU A 144 -7.12 14.81 -3.22
N PRO A 145 -7.66 15.73 -2.47
CA PRO A 145 -8.67 16.63 -2.96
C PRO A 145 -8.25 17.27 -4.31
N GLN A 146 -9.20 17.22 -5.26
CA GLN A 146 -8.91 17.67 -6.62
C GLN A 146 -8.51 19.15 -6.60
N THR A 147 -9.14 19.90 -5.75
CA THR A 147 -8.76 21.32 -5.65
C THR A 147 -7.27 21.48 -5.44
N LEU A 148 -6.64 20.68 -4.61
CA LEU A 148 -5.17 20.87 -4.39
C LEU A 148 -4.35 20.54 -5.58
N GLN A 149 -4.75 19.51 -6.33
CA GLN A 149 -4.10 19.23 -7.56
C GLN A 149 -4.22 20.35 -8.59
N ASP A 150 -5.46 20.93 -8.59
CA ASP A 150 -5.67 21.99 -9.57
C ASP A 150 -5.04 23.31 -9.10
N GLU A 151 -4.95 23.58 -7.78
CA GLU A 151 -4.32 24.81 -7.36
C GLU A 151 -2.80 24.79 -7.60
N TYR A 152 -2.17 23.68 -7.24
CA TYR A 152 -0.71 23.69 -7.30
C TYR A 152 -0.10 22.36 -7.65
N GLU A 153 -0.92 21.48 -8.24
CA GLU A 153 -0.44 20.17 -8.66
C GLU A 153 -0.03 19.31 -7.45
N GLY A 154 -0.76 19.49 -6.35
CA GLY A 154 -0.61 18.54 -5.27
C GLY A 154 0.77 18.30 -4.77
N PHE A 155 1.22 17.04 -4.67
CA PHE A 155 2.51 16.73 -4.15
C PHE A 155 3.64 17.21 -5.03
N LEU A 156 3.40 17.73 -6.20
CA LEU A 156 4.46 18.37 -7.01
C LEU A 156 4.95 19.65 -6.37
N ASP A 157 4.18 20.27 -5.48
CA ASP A 157 4.57 21.58 -4.96
C ASP A 157 4.70 21.49 -3.48
N PRO A 158 5.63 22.27 -2.90
CA PRO A 158 5.83 22.26 -1.47
C PRO A 158 4.69 22.79 -0.66
N GLN A 159 3.71 23.46 -1.30
CA GLN A 159 2.47 23.86 -0.64
C GLN A 159 1.73 22.67 -0.03
N ILE A 160 1.96 21.46 -0.57
CA ILE A 160 1.28 20.31 -0.03
C ILE A 160 1.58 20.07 1.42
N ILE A 161 2.82 20.46 1.87
CA ILE A 161 3.25 20.11 3.18
C ILE A 161 2.32 20.62 4.25
N ASP A 162 2.09 21.95 4.18
CA ASP A 162 1.21 22.55 5.21
C ASP A 162 -0.24 22.13 5.07
N ASP A 163 -0.73 21.94 3.84
CA ASP A 163 -2.08 21.50 3.71
C ASP A 163 -2.27 20.08 4.27
N PHE A 164 -1.30 19.21 4.01
CA PHE A 164 -1.34 17.88 4.57
C PHE A 164 -1.19 17.94 6.09
N LYS A 165 -0.27 18.77 6.63
CA LYS A 165 -0.17 18.91 8.09
C LYS A 165 -1.44 19.37 8.73
N ASP A 166 -2.16 20.32 8.15
CA ASP A 166 -3.38 20.83 8.79
C ASP A 166 -4.46 19.78 8.74
N TYR A 167 -4.52 18.99 7.67
CA TYR A 167 -5.43 17.85 7.56
C TYR A 167 -5.15 16.79 8.63
N ALA A 168 -3.86 16.42 8.74
CA ALA A 168 -3.48 15.48 9.73
C ALA A 168 -3.81 15.92 11.15
N ASP A 169 -3.56 17.23 11.41
CA ASP A 169 -3.85 17.76 12.71
C ASP A 169 -5.34 17.62 13.06
N LEU A 170 -6.21 17.88 12.07
CA LEU A 170 -7.64 17.72 12.29
C LEU A 170 -7.94 16.26 12.58
N CYS A 171 -7.33 15.30 11.89
CA CYS A 171 -7.56 13.89 12.20
C CYS A 171 -7.14 13.55 13.61
N PHE A 172 -5.93 14.04 14.02
CA PHE A 172 -5.48 13.68 15.36
C PHE A 172 -6.39 14.29 16.39
N GLU A 173 -6.79 15.54 16.15
CA GLU A 173 -7.68 16.24 17.14
C GLU A 173 -8.99 15.50 17.22
N GLU A 174 -9.59 15.08 16.11
CA GLU A 174 -10.90 14.52 16.16
C GLU A 174 -10.94 13.06 16.52
N PHE A 175 -9.90 12.31 16.10
CA PHE A 175 -10.03 10.86 16.26
C PHE A 175 -8.96 10.22 17.09
N GLY A 176 -7.88 11.01 17.45
CA GLY A 176 -6.73 10.40 18.13
C GLY A 176 -6.95 9.97 19.57
N ASP A 177 -8.09 10.42 20.15
CA ASP A 177 -8.42 9.88 21.45
C ASP A 177 -8.72 8.36 21.38
N SER A 178 -9.16 7.90 20.20
CA SER A 178 -9.49 6.50 20.04
C SER A 178 -8.55 5.78 19.13
N VAL A 179 -7.96 6.43 18.13
CA VAL A 179 -7.04 5.80 17.20
C VAL A 179 -5.61 5.91 17.71
N LYS A 180 -4.97 4.79 17.82
CA LYS A 180 -3.62 4.74 18.41
C LYS A 180 -2.56 4.25 17.49
N TYR A 181 -2.96 3.99 16.21
CA TYR A 181 -2.07 3.60 15.18
C TYR A 181 -2.40 4.35 13.85
N TRP A 182 -1.50 5.22 13.50
CA TRP A 182 -1.68 6.05 12.33
C TRP A 182 -0.65 5.77 11.26
N LEU A 183 -1.13 5.74 10.01
CA LEU A 183 -0.25 5.61 8.87
C LEU A 183 -0.34 6.93 8.08
N THR A 184 0.78 7.48 7.65
CA THR A 184 0.71 8.73 6.95
C THR A 184 0.35 8.61 5.47
N ILE A 185 1.23 8.13 4.64
CA ILE A 185 1.03 7.98 3.21
C ILE A 185 1.10 6.50 2.84
N ASN A 186 0.08 6.05 2.09
CA ASN A 186 0.14 4.69 1.61
C ASN A 186 1.19 4.49 0.58
N GLN A 187 2.17 3.61 0.67
CA GLN A 187 3.18 3.21 -0.26
C GLN A 187 3.86 4.41 -0.89
N LEU A 188 4.89 4.89 -0.22
CA LEU A 188 5.55 6.09 -0.67
C LEU A 188 6.07 5.98 -2.09
N TYR A 189 6.46 4.79 -2.56
CA TYR A 189 6.95 4.62 -3.90
C TYR A 189 5.95 4.85 -5.02
N SER A 190 4.67 4.61 -4.75
CA SER A 190 3.70 4.48 -5.81
C SER A 190 3.21 5.73 -6.47
N VAL A 191 2.87 6.78 -5.76
CA VAL A 191 2.44 8.02 -6.41
C VAL A 191 3.60 8.58 -7.26
N PRO A 192 4.85 8.68 -6.76
CA PRO A 192 5.86 9.27 -7.61
C PRO A 192 6.01 8.56 -8.94
N THR A 193 5.95 7.19 -8.88
CA THR A 193 6.26 6.41 -10.08
C THR A 193 5.03 6.20 -10.96
N ARG A 194 3.94 5.74 -10.41
CA ARG A 194 2.78 5.54 -11.22
C ARG A 194 1.98 6.81 -11.47
N GLY A 195 2.00 7.75 -10.57
CA GLY A 195 1.20 8.96 -10.69
C GLY A 195 1.89 10.04 -11.53
N TYR A 196 3.21 10.04 -11.44
CA TYR A 196 4.02 11.05 -12.08
C TYR A 196 5.11 10.55 -13.05
N GLY A 197 5.20 9.23 -13.18
CA GLY A 197 6.20 8.59 -14.00
C GLY A 197 5.53 7.95 -15.19
N SER A 198 4.81 6.86 -14.92
CA SER A 198 4.14 6.12 -15.97
C SER A 198 2.72 6.61 -16.25
N ALA A 199 2.14 7.37 -15.33
CA ALA A 199 0.79 7.92 -15.45
C ALA A 199 -0.23 6.81 -15.47
N LEU A 200 0.06 5.70 -14.85
CA LEU A 200 -0.93 4.67 -14.67
C LEU A 200 -1.92 5.02 -13.56
N ASP A 201 -1.48 5.87 -12.63
CA ASP A 201 -2.26 6.23 -11.48
C ASP A 201 -2.52 7.74 -11.45
N ALA A 202 -3.53 8.18 -10.68
CA ALA A 202 -3.75 9.58 -10.47
C ALA A 202 -2.46 10.23 -9.90
N PRO A 203 -2.18 11.48 -10.29
CA PRO A 203 -2.98 12.35 -11.12
C PRO A 203 -2.81 12.13 -12.60
N GLY A 204 -1.88 11.28 -13.02
CA GLY A 204 -1.72 10.99 -14.42
C GLY A 204 -0.85 11.92 -15.20
N ARG A 205 0.28 12.33 -14.62
CA ARG A 205 1.25 13.19 -15.30
C ARG A 205 2.43 12.32 -15.77
N CYS A 206 3.00 12.77 -16.90
CA CYS A 206 4.15 12.05 -17.45
C CYS A 206 4.75 12.89 -18.52
N SER A 207 5.88 12.43 -19.10
CA SER A 207 6.44 13.07 -20.25
C SER A 207 5.53 12.79 -21.46
N PRO A 208 5.52 13.74 -22.42
CA PRO A 208 4.66 13.58 -23.57
C PRO A 208 4.87 12.31 -24.37
N THR A 209 6.09 11.82 -24.53
CA THR A 209 6.32 10.62 -25.33
C THR A 209 6.15 9.36 -24.54
N VAL A 210 6.03 9.47 -23.19
CA VAL A 210 5.72 8.28 -22.36
C VAL A 210 4.28 7.88 -22.59
N ASP A 211 3.42 8.91 -22.53
CA ASP A 211 1.99 8.72 -22.77
C ASP A 211 1.42 10.06 -23.22
N PRO A 212 1.04 10.14 -24.48
CA PRO A 212 0.53 11.37 -25.03
C PRO A 212 -0.74 11.86 -24.36
N SER A 213 -1.44 11.01 -23.62
CA SER A 213 -2.66 11.41 -22.96
C SER A 213 -2.37 12.21 -21.70
N CYS A 214 -1.18 12.15 -21.15
CA CYS A 214 -0.94 12.88 -19.93
C CYS A 214 -1.19 14.38 -20.15
N TYR A 215 -1.79 15.09 -19.23
CA TYR A 215 -2.07 16.50 -19.41
C TYR A 215 -0.85 17.38 -19.23
N ALA A 216 0.16 16.86 -18.59
CA ALA A 216 1.40 17.61 -18.30
C ALA A 216 2.32 16.59 -17.65
N GLY A 217 3.56 17.02 -17.46
CA GLY A 217 4.47 16.24 -16.66
C GLY A 217 5.85 16.09 -17.25
N ASN A 218 6.65 15.36 -16.51
CA ASN A 218 8.05 15.02 -16.83
C ASN A 218 8.39 13.81 -15.99
N SER A 219 8.44 12.65 -16.65
CA SER A 219 8.63 11.39 -15.97
C SER A 219 10.02 11.19 -15.36
N SER A 220 10.96 12.03 -15.85
CA SER A 220 12.35 11.92 -15.42
C SER A 220 12.61 12.70 -14.11
N THR A 221 11.85 13.81 -13.96
CA THR A 221 12.12 14.63 -12.82
C THR A 221 11.01 14.64 -11.76
N GLU A 222 9.77 14.57 -12.21
CA GLU A 222 8.66 14.77 -11.27
C GLU A 222 8.58 13.66 -10.24
N PRO A 223 8.86 12.37 -10.53
CA PRO A 223 8.84 11.36 -9.45
C PRO A 223 9.72 11.76 -8.29
N TYR A 224 10.88 12.34 -8.56
CA TYR A 224 11.80 12.69 -7.48
C TYR A 224 11.27 13.85 -6.67
N ILE A 225 10.71 14.82 -7.35
CA ILE A 225 10.13 16.01 -6.67
C ILE A 225 9.00 15.56 -5.74
N VAL A 226 8.11 14.74 -6.31
CA VAL A 226 6.98 14.26 -5.53
C VAL A 226 7.41 13.37 -4.38
N ALA A 227 8.35 12.46 -4.62
CA ALA A 227 8.82 11.64 -3.52
C ALA A 227 9.41 12.47 -2.38
N HIS A 228 10.14 13.52 -2.75
CA HIS A 228 10.79 14.38 -1.78
C HIS A 228 9.76 15.10 -0.97
N HIS A 229 8.71 15.64 -1.62
CA HIS A 229 7.62 16.33 -0.93
C HIS A 229 6.84 15.36 -0.06
N GLN A 230 6.63 14.10 -0.54
CA GLN A 230 5.96 13.13 0.32
C GLN A 230 6.75 12.93 1.61
N LEU A 231 8.08 12.76 1.48
CA LEU A 231 8.91 12.57 2.71
C LEU A 231 8.81 13.74 3.65
N LEU A 232 8.86 14.95 3.10
CA LEU A 232 8.72 16.14 3.94
C LEU A 232 7.36 16.29 4.62
N ALA A 233 6.34 15.99 3.84
CA ALA A 233 4.98 16.12 4.35
C ALA A 233 4.74 15.07 5.42
N HIS A 234 5.17 13.81 5.15
CA HIS A 234 5.13 12.74 6.13
C HIS A 234 5.81 13.17 7.42
N ALA A 235 7.04 13.70 7.27
CA ALA A 235 7.85 13.97 8.43
C ALA A 235 7.26 15.12 9.22
N LYS A 236 6.69 16.11 8.57
CA LYS A 236 6.10 17.25 9.25
C LYS A 236 4.91 16.77 10.09
N VAL A 237 4.18 15.79 9.52
CA VAL A 237 3.03 15.21 10.23
C VAL A 237 3.47 14.37 11.38
N VAL A 238 4.54 13.57 11.24
CA VAL A 238 5.03 12.77 12.38
C VAL A 238 5.54 13.72 13.48
N ASP A 239 6.22 14.82 13.12
CA ASP A 239 6.68 15.71 14.16
C ASP A 239 5.50 16.38 14.83
N LEU A 240 4.43 16.75 14.10
CA LEU A 240 3.25 17.30 14.72
C LEU A 240 2.65 16.27 15.67
N TYR A 241 2.54 15.04 15.25
CA TYR A 241 1.94 14.04 16.11
C TYR A 241 2.71 13.86 17.38
N ARG A 242 4.04 13.73 17.28
CA ARG A 242 4.86 13.42 18.43
C ARG A 242 5.06 14.62 19.32
N LYS A 243 4.93 15.84 18.82
CA LYS A 243 5.07 17.03 19.66
C LYS A 243 3.77 17.50 20.26
N ASN A 244 2.66 17.39 19.53
CA ASN A 244 1.38 17.93 19.94
C ASN A 244 0.38 16.89 20.36
N TYR A 245 0.54 15.63 20.07
CA TYR A 245 -0.42 14.64 20.41
C TYR A 245 0.16 13.48 21.17
N THR A 246 1.29 13.69 21.90
CA THR A 246 1.90 12.65 22.68
C THR A 246 0.99 12.17 23.79
N HIS A 247 0.09 13.01 24.29
CA HIS A 247 -0.86 12.61 25.30
C HIS A 247 -1.75 11.48 24.85
N GLN A 248 -1.99 11.28 23.55
CA GLN A 248 -2.89 10.25 23.07
C GLN A 248 -2.27 8.90 23.17
N GLY A 249 -0.95 8.77 23.38
CA GLY A 249 -0.38 7.49 23.58
C GLY A 249 -0.43 6.58 22.38
N GLY A 250 -0.34 7.12 21.18
CA GLY A 250 -0.37 6.33 19.97
C GLY A 250 0.95 6.34 19.25
N LYS A 251 0.96 5.74 18.08
CA LYS A 251 2.09 5.53 17.24
C LYS A 251 1.79 5.90 15.79
N ILE A 252 2.80 6.36 15.09
CA ILE A 252 2.61 6.75 13.68
C ILE A 252 3.75 6.28 12.88
N GLY A 253 3.47 5.98 11.59
CA GLY A 253 4.49 5.61 10.65
C GLY A 253 4.03 5.75 9.23
N PRO A 254 4.95 5.66 8.29
CA PRO A 254 4.63 5.56 6.88
C PRO A 254 4.21 4.14 6.50
N THR A 255 3.66 4.08 5.29
CA THR A 255 3.49 2.74 4.69
C THR A 255 4.49 2.66 3.54
N MET A 256 5.24 1.56 3.52
CA MET A 256 6.06 1.22 2.37
C MET A 256 5.44 0.08 1.57
N ILE A 257 5.51 0.18 0.25
CA ILE A 257 5.38 -1.05 -0.55
C ILE A 257 6.75 -1.71 -0.48
N THR A 258 6.74 -3.02 -0.11
CA THR A 258 8.00 -3.77 -0.12
C THR A 258 7.84 -4.86 -1.15
N ARG A 259 8.96 -5.17 -1.75
CA ARG A 259 9.17 -6.33 -2.58
C ARG A 259 10.53 -6.89 -2.22
N TRP A 260 10.73 -8.19 -2.42
CA TRP A 260 12.10 -8.68 -2.44
C TRP A 260 12.60 -8.64 -3.87
N PHE A 261 13.92 -8.70 -4.01
CA PHE A 261 14.54 -8.77 -5.30
C PHE A 261 15.59 -9.87 -5.26
N LEU A 262 15.65 -10.66 -6.31
CA LEU A 262 16.62 -11.73 -6.44
C LEU A 262 17.27 -11.52 -7.80
N PRO A 263 18.52 -12.02 -7.92
CA PRO A 263 19.15 -11.88 -9.23
C PRO A 263 18.51 -12.76 -10.27
N TYR A 264 18.25 -12.21 -11.46
CA TYR A 264 17.80 -12.98 -12.63
C TYR A 264 18.83 -14.05 -12.91
N ASN A 265 20.10 -13.81 -12.67
CA ASN A 265 21.11 -14.83 -12.81
C ASN A 265 22.08 -14.68 -11.63
N ASP A 266 21.93 -15.65 -10.72
CA ASP A 266 22.63 -15.55 -9.43
C ASP A 266 24.09 -15.91 -9.46
N THR A 267 24.67 -16.09 -10.63
CA THR A 267 26.11 -16.22 -10.75
C THR A 267 26.63 -15.15 -11.68
N ASP A 268 25.82 -14.16 -12.06
CA ASP A 268 26.19 -13.08 -12.95
C ASP A 268 26.33 -11.83 -12.11
N ARG A 269 27.56 -11.29 -11.99
CA ARG A 269 27.78 -10.08 -11.17
C ARG A 269 26.92 -8.97 -11.63
N HIS A 270 26.62 -8.83 -12.92
CA HIS A 270 25.83 -7.69 -13.35
C HIS A 270 24.38 -7.78 -12.86
N SER A 271 23.82 -9.00 -12.90
CA SER A 271 22.49 -9.20 -12.36
C SER A 271 22.48 -9.02 -10.85
N ILE A 272 23.48 -9.52 -10.11
CA ILE A 272 23.59 -9.28 -8.69
C ILE A 272 23.60 -7.79 -8.38
N ALA A 273 24.41 -7.05 -9.16
CA ALA A 273 24.49 -5.59 -8.91
C ALA A 273 23.15 -4.94 -9.18
N ALA A 274 22.45 -5.38 -10.25
CA ALA A 274 21.13 -4.80 -10.49
C ALA A 274 20.17 -5.05 -9.36
N THR A 275 20.28 -6.24 -8.76
CA THR A 275 19.39 -6.60 -7.66
C THR A 275 19.62 -5.72 -6.46
N GLU A 276 20.93 -5.45 -6.18
CA GLU A 276 21.20 -4.55 -5.07
C GLU A 276 20.82 -3.12 -5.34
N ARG A 277 20.98 -2.70 -6.61
CA ARG A 277 20.49 -1.38 -7.00
C ARG A 277 18.97 -1.29 -6.80
N MET A 278 18.28 -2.36 -7.15
CA MET A 278 16.80 -2.30 -6.97
C MET A 278 16.45 -2.14 -5.50
N LYS A 279 17.15 -2.82 -4.60
CA LYS A 279 16.82 -2.64 -3.18
C LYS A 279 16.96 -1.14 -2.84
N GLU A 280 18.05 -0.52 -3.25
CA GLU A 280 18.24 0.89 -2.93
C GLU A 280 17.25 1.82 -3.60
N PHE A 281 16.93 1.59 -4.88
CA PHE A 281 16.02 2.46 -5.59
C PHE A 281 14.55 2.28 -5.23
N PHE A 282 14.21 1.04 -4.80
CA PHE A 282 12.80 0.75 -4.48
C PHE A 282 12.54 0.97 -3.02
N LEU A 283 13.38 0.40 -2.13
CA LEU A 283 13.22 0.54 -0.72
C LEU A 283 14.02 1.71 -0.15
N GLY A 284 15.29 1.81 -0.55
CA GLY A 284 16.16 2.86 0.05
C GLY A 284 15.80 4.26 -0.33
N TRP A 285 15.13 4.48 -1.45
CA TRP A 285 14.69 5.80 -1.86
C TRP A 285 13.96 6.46 -0.68
N PHE A 286 13.14 5.71 0.08
CA PHE A 286 12.45 6.23 1.23
C PHE A 286 13.09 5.81 2.55
N MET A 287 13.63 4.58 2.59
CA MET A 287 14.16 4.14 3.91
C MET A 287 15.49 4.81 4.23
N GLY A 288 16.27 5.18 3.20
CA GLY A 288 17.48 5.94 3.52
C GLY A 288 17.08 7.24 4.15
N PRO A 289 16.19 8.03 3.62
CA PRO A 289 15.78 9.27 4.30
C PRO A 289 15.21 8.98 5.69
N LEU A 290 14.33 7.97 5.77
CA LEU A 290 13.65 7.73 7.04
C LEU A 290 14.60 7.25 8.12
N THR A 291 15.75 6.62 7.76
CA THR A 291 16.66 6.12 8.80
C THR A 291 17.90 6.94 8.93
N ASN A 292 18.21 7.76 7.91
CA ASN A 292 19.48 8.46 7.89
C ASN A 292 19.40 9.89 7.47
N GLY A 293 18.27 10.36 6.94
CA GLY A 293 18.14 11.72 6.51
C GLY A 293 18.76 11.96 5.16
N THR A 294 19.11 10.94 4.44
CA THR A 294 19.74 11.09 3.12
C THR A 294 19.24 10.03 2.13
N TYR A 295 19.31 10.32 0.84
CA TYR A 295 18.99 9.30 -0.12
C TYR A 295 20.22 8.36 -0.27
N PRO A 296 19.97 7.15 -0.74
CA PRO A 296 21.10 6.25 -0.95
C PRO A 296 22.13 6.87 -1.86
N GLN A 297 23.39 6.49 -1.63
CA GLN A 297 24.49 6.97 -2.48
C GLN A 297 24.31 6.64 -3.94
N ILE A 298 23.82 5.41 -4.20
CA ILE A 298 23.66 5.07 -5.64
C ILE A 298 22.64 5.98 -6.28
N MET A 299 21.62 6.40 -5.59
CA MET A 299 20.65 7.33 -6.12
C MET A 299 21.26 8.69 -6.26
N ILE A 300 22.03 9.14 -5.29
CA ILE A 300 22.71 10.45 -5.40
C ILE A 300 23.56 10.47 -6.66
N ASP A 301 24.29 9.37 -6.90
CA ASP A 301 25.22 9.30 -7.99
C ASP A 301 24.55 9.26 -9.33
N THR A 302 23.53 8.42 -9.42
CA THR A 302 22.89 8.19 -10.71
C THR A 302 21.95 9.32 -11.10
N VAL A 303 21.14 9.76 -10.16
CA VAL A 303 20.06 10.72 -10.42
C VAL A 303 20.61 12.12 -10.47
N GLY A 304 21.73 12.35 -9.81
CA GLY A 304 22.41 13.63 -9.96
C GLY A 304 21.53 14.83 -9.63
N GLU A 305 21.53 15.80 -10.54
CA GLU A 305 20.84 17.06 -10.33
C GLU A 305 19.36 16.87 -10.23
N ARG A 306 18.80 15.75 -10.74
CA ARG A 306 17.36 15.51 -10.62
C ARG A 306 16.96 15.03 -9.24
N LEU A 307 17.90 14.77 -8.34
CA LEU A 307 17.53 14.34 -6.99
C LEU A 307 17.54 15.50 -6.03
N PRO A 308 16.48 15.91 -5.41
CA PRO A 308 16.52 17.04 -4.50
C PRO A 308 17.39 16.75 -3.29
N SER A 309 17.91 17.84 -2.72
CA SER A 309 18.63 17.76 -1.49
C SER A 309 17.78 18.08 -0.28
N PHE A 310 18.09 17.50 0.87
CA PHE A 310 17.45 17.91 2.10
C PHE A 310 18.37 18.97 2.75
N SER A 311 17.83 20.00 3.31
CA SER A 311 18.66 20.92 4.10
C SER A 311 18.87 20.20 5.40
N PRO A 312 19.79 20.72 6.23
CA PRO A 312 20.07 20.10 7.48
C PRO A 312 18.82 20.02 8.34
N GLU A 313 17.96 21.02 8.36
CA GLU A 313 16.73 20.98 9.13
C GLU A 313 15.82 19.87 8.59
N GLU A 314 15.68 19.83 7.28
CA GLU A 314 14.78 18.83 6.66
C GLU A 314 15.28 17.43 6.95
N SER A 315 16.61 17.21 6.87
CA SER A 315 17.22 15.92 7.09
C SER A 315 16.88 15.46 8.49
N ASN A 316 17.03 16.40 9.44
CA ASN A 316 16.75 16.03 10.82
C ASN A 316 15.24 15.75 10.98
N LEU A 317 14.37 16.48 10.31
CA LEU A 317 12.93 16.22 10.42
C LEU A 317 12.55 14.81 9.94
N VAL A 318 13.18 14.43 8.79
CA VAL A 318 12.84 13.18 8.16
C VAL A 318 13.48 11.99 8.85
N LYS A 319 14.74 12.12 9.27
CA LYS A 319 15.42 11.01 9.88
C LYS A 319 14.74 10.62 11.18
N GLY A 320 14.37 9.34 11.26
CA GLY A 320 13.76 8.82 12.45
C GLY A 320 12.28 9.15 12.56
N SER A 321 11.61 9.57 11.48
CA SER A 321 10.23 10.06 11.53
C SER A 321 9.26 8.88 11.44
N TYR A 322 9.37 7.98 12.41
CA TYR A 322 8.43 6.85 12.48
C TYR A 322 8.53 6.21 13.85
N ASP A 323 7.42 5.72 14.35
CA ASP A 323 7.42 4.88 15.52
C ASP A 323 7.37 3.43 15.09
N PHE A 324 6.86 3.16 13.91
CA PHE A 324 6.77 1.84 13.32
C PHE A 324 6.71 2.05 11.81
N LEU A 325 6.79 0.91 11.14
CA LEU A 325 6.67 0.90 9.70
C LEU A 325 5.46 0.05 9.31
N GLY A 326 4.56 0.54 8.46
CA GLY A 326 3.55 -0.36 7.88
C GLY A 326 4.17 -0.86 6.60
N LEU A 327 4.39 -2.16 6.53
CA LEU A 327 4.99 -2.77 5.34
C LEU A 327 3.90 -3.54 4.62
N ASN A 328 3.68 -3.12 3.38
CA ASN A 328 2.78 -3.87 2.48
C ASN A 328 3.71 -4.87 1.77
N TYR A 329 3.27 -6.05 1.48
CA TYR A 329 4.06 -7.05 0.76
C TYR A 329 3.14 -7.90 -0.10
N TYR A 330 3.52 -7.97 -1.37
CA TYR A 330 2.75 -8.86 -2.26
C TYR A 330 3.68 -9.79 -3.06
N PHE A 331 4.79 -9.37 -3.59
CA PHE A 331 5.56 -10.22 -4.44
C PHE A 331 7.01 -9.74 -4.55
N THR A 332 7.79 -10.57 -5.25
CA THR A 332 9.25 -10.46 -5.43
C THR A 332 9.58 -10.53 -6.92
N GLN A 333 10.59 -9.83 -7.33
CA GLN A 333 11.03 -9.81 -8.73
C GLN A 333 12.47 -10.22 -8.86
N TYR A 334 12.77 -10.83 -10.01
CA TYR A 334 14.12 -11.01 -10.46
C TYR A 334 14.61 -9.74 -11.16
N ALA A 335 15.88 -9.39 -10.94
CA ALA A 335 16.43 -8.18 -11.53
C ALA A 335 17.61 -8.54 -12.36
N GLN A 336 17.74 -7.91 -13.56
CA GLN A 336 18.82 -8.03 -14.47
C GLN A 336 19.20 -6.61 -14.91
N PRO A 337 20.39 -6.42 -15.47
CA PRO A 337 20.77 -5.06 -15.88
C PRO A 337 19.92 -4.53 -16.99
N SER A 338 19.74 -3.24 -17.07
CA SER A 338 19.07 -2.55 -18.15
C SER A 338 19.69 -1.14 -18.30
N PRO A 339 19.74 -0.65 -19.49
CA PRO A 339 20.31 0.67 -19.75
C PRO A 339 19.47 1.75 -19.09
N ASN A 340 20.11 2.90 -18.86
CA ASN A 340 19.39 4.06 -18.32
C ASN A 340 19.58 5.23 -19.28
N PRO A 341 18.70 5.36 -20.27
CA PRO A 341 18.91 6.39 -21.29
C PRO A 341 18.40 7.75 -20.81
N VAL A 342 19.16 8.44 -20.00
CA VAL A 342 18.71 9.69 -19.37
C VAL A 342 18.36 10.82 -20.33
N ASN A 343 18.96 10.82 -21.53
CA ASN A 343 18.66 11.82 -22.54
C ASN A 343 17.45 11.45 -23.38
N SER A 344 16.93 10.27 -23.38
CA SER A 344 15.79 9.85 -24.18
C SER A 344 14.58 10.70 -23.76
N THR A 345 13.78 11.13 -24.73
CA THR A 345 12.58 11.88 -24.38
C THR A 345 11.65 10.99 -23.56
N ASN A 346 11.72 9.66 -23.70
CA ASN A 346 10.83 8.82 -22.90
C ASN A 346 11.47 8.31 -21.63
N HIS A 347 12.51 8.99 -21.17
CA HIS A 347 13.17 8.55 -19.94
C HIS A 347 12.23 8.69 -18.76
N THR A 348 12.23 7.70 -17.88
CA THR A 348 11.49 7.75 -16.64
C THR A 348 12.39 7.62 -15.45
N ALA A 349 12.00 8.08 -14.27
CA ALA A 349 12.76 7.85 -13.08
C ALA A 349 13.00 6.40 -12.77
N MET A 350 12.04 5.56 -13.19
CA MET A 350 12.14 4.11 -12.93
C MET A 350 13.27 3.48 -13.68
N MET A 351 13.74 4.07 -14.77
CA MET A 351 14.90 3.58 -15.47
C MET A 351 16.21 3.86 -14.78
N ASP A 352 16.25 4.79 -13.83
CA ASP A 352 17.47 5.12 -13.14
C ASP A 352 18.06 3.97 -12.36
N ALA A 353 17.28 3.00 -11.89
CA ALA A 353 17.84 1.88 -11.17
C ALA A 353 18.67 0.99 -12.06
N GLY A 354 18.54 1.09 -13.40
CA GLY A 354 19.35 0.28 -14.26
C GLY A 354 19.01 -1.18 -14.18
N ALA A 355 17.74 -1.51 -13.98
CA ALA A 355 17.33 -2.90 -13.82
C ALA A 355 16.04 -3.17 -14.62
N LYS A 356 15.96 -4.34 -15.11
CA LYS A 356 14.74 -4.91 -15.73
C LYS A 356 14.24 -6.01 -14.79
N LEU A 357 12.95 -6.00 -14.55
CA LEU A 357 12.37 -6.89 -13.56
C LEU A 357 11.49 -7.92 -14.21
N THR A 358 11.63 -9.17 -13.79
CA THR A 358 10.88 -10.27 -14.33
C THR A 358 10.46 -11.24 -13.20
N TYR A 359 9.64 -12.20 -13.55
CA TYR A 359 9.20 -13.24 -12.62
C TYR A 359 9.78 -14.56 -13.02
N ILE A 360 10.56 -14.62 -14.08
CA ILE A 360 11.22 -15.79 -14.62
C ILE A 360 12.71 -15.49 -14.61
N ASN A 361 13.54 -16.46 -14.15
CA ASN A 361 14.97 -16.17 -14.09
C ASN A 361 15.65 -16.67 -15.35
N ALA A 362 16.97 -16.59 -15.42
CA ALA A 362 17.69 -16.85 -16.66
C ALA A 362 17.60 -18.30 -17.11
N SER A 363 17.44 -19.19 -16.18
CA SER A 363 17.31 -20.62 -16.51
C SER A 363 15.86 -21.01 -16.70
N GLY A 364 14.91 -20.08 -16.73
CA GLY A 364 13.53 -20.36 -17.05
C GLY A 364 12.63 -20.66 -15.89
N HIS A 365 13.17 -20.50 -14.65
CA HIS A 365 12.40 -20.78 -13.46
C HIS A 365 11.44 -19.65 -13.17
N TYR A 366 10.15 -19.97 -13.08
CA TYR A 366 9.18 -18.98 -12.58
C TYR A 366 9.27 -18.98 -11.08
N ILE A 367 9.25 -17.78 -10.47
CA ILE A 367 9.55 -17.66 -9.07
C ILE A 367 8.58 -18.29 -8.14
N GLY A 368 7.32 -18.51 -8.53
CA GLY A 368 6.38 -19.12 -7.61
C GLY A 368 5.06 -19.23 -8.37
N PRO A 369 3.99 -19.46 -7.61
CA PRO A 369 2.69 -19.58 -8.21
C PRO A 369 2.19 -18.31 -8.85
N LEU A 370 1.14 -18.48 -9.69
CA LEU A 370 0.54 -17.33 -10.34
C LEU A 370 -0.07 -16.42 -9.31
N PHE A 371 0.29 -15.10 -9.52
CA PHE A 371 -0.29 -14.00 -8.71
C PHE A 371 -1.34 -13.18 -9.48
N GLU A 372 -1.04 -12.82 -10.74
CA GLU A 372 -1.99 -12.06 -11.56
C GLU A 372 -1.77 -12.41 -13.01
N LYS A 373 -2.87 -12.94 -13.57
CA LYS A 373 -2.82 -13.14 -15.00
C LYS A 373 -3.05 -11.84 -15.77
N ASP A 374 -2.32 -11.65 -16.84
CA ASP A 374 -2.50 -10.53 -17.75
C ASP A 374 -2.92 -11.13 -19.09
N LYS A 375 -4.23 -11.16 -19.31
CA LYS A 375 -4.71 -11.74 -20.59
C LYS A 375 -4.27 -10.97 -21.80
N ALA A 376 -3.95 -9.70 -21.76
CA ALA A 376 -3.52 -9.08 -23.05
C ALA A 376 -2.08 -9.40 -23.38
N ASP A 377 -1.23 -9.64 -22.36
CA ASP A 377 0.10 -10.15 -22.63
C ASP A 377 0.56 -11.09 -21.52
N SER A 378 0.45 -12.40 -21.73
CA SER A 378 0.70 -13.43 -20.74
C SER A 378 2.15 -13.49 -20.33
N THR A 379 3.05 -12.91 -21.11
CA THR A 379 4.47 -12.92 -20.63
C THR A 379 4.66 -11.86 -19.55
N ASP A 380 3.66 -11.03 -19.21
CA ASP A 380 3.57 -9.98 -18.24
C ASP A 380 2.81 -10.42 -16.94
N ASN A 381 2.42 -11.66 -16.93
CA ASN A 381 1.87 -12.28 -15.73
C ASN A 381 2.76 -12.05 -14.51
N ILE A 382 2.19 -11.87 -13.36
CA ILE A 382 2.87 -11.77 -12.09
C ILE A 382 2.76 -13.10 -11.36
N TYR A 383 3.86 -13.46 -10.70
CA TYR A 383 3.93 -14.66 -9.89
C TYR A 383 4.40 -14.28 -8.47
N TYR A 384 3.97 -15.02 -7.45
CA TYR A 384 4.34 -14.69 -6.09
C TYR A 384 5.39 -15.62 -5.56
N TYR A 385 5.84 -15.32 -4.30
CA TYR A 385 7.06 -15.87 -3.77
C TYR A 385 6.93 -15.74 -2.25
N PRO A 386 6.38 -16.77 -1.59
CA PRO A 386 6.13 -16.67 -0.16
C PRO A 386 7.32 -16.34 0.70
N LYS A 387 8.49 -16.89 0.32
CA LYS A 387 9.69 -16.61 1.10
C LYS A 387 10.06 -15.14 1.03
N GLY A 388 9.54 -14.40 0.11
CA GLY A 388 9.90 -12.98 -0.03
C GLY A 388 9.48 -12.22 1.22
N ILE A 389 8.41 -12.63 1.89
CA ILE A 389 8.02 -11.90 3.12
C ILE A 389 9.07 -12.08 4.21
N TYR A 390 9.68 -13.30 4.26
CA TYR A 390 10.76 -13.59 5.19
C TYR A 390 11.96 -12.73 4.87
N SER A 391 12.36 -12.73 3.57
CA SER A 391 13.51 -11.96 3.12
C SER A 391 13.31 -10.49 3.40
N VAL A 392 12.14 -9.93 3.10
CA VAL A 392 11.92 -8.50 3.33
C VAL A 392 12.05 -8.21 4.81
N MET A 393 11.37 -8.96 5.69
CA MET A 393 11.38 -8.62 7.10
C MET A 393 12.78 -8.71 7.66
N ASP A 394 13.52 -9.75 7.31
CA ASP A 394 14.93 -9.93 7.69
C ASP A 394 15.71 -8.71 7.24
N TYR A 395 15.56 -8.29 6.02
CA TYR A 395 16.30 -7.14 5.49
C TYR A 395 15.94 -5.90 6.26
N PHE A 396 14.71 -5.62 6.54
CA PHE A 396 14.37 -4.43 7.29
C PHE A 396 14.99 -4.44 8.69
N LYS A 397 14.96 -5.58 9.39
CA LYS A 397 15.60 -5.67 10.69
C LYS A 397 17.06 -5.35 10.55
N ASN A 398 17.78 -5.96 9.62
CA ASN A 398 19.24 -5.89 9.52
C ASN A 398 19.72 -4.57 8.96
N LYS A 399 19.00 -4.05 7.96
CA LYS A 399 19.48 -2.88 7.24
C LYS A 399 18.94 -1.61 7.84
N TYR A 400 17.74 -1.69 8.47
CA TYR A 400 17.00 -0.52 8.86
C TYR A 400 16.69 -0.44 10.32
N TYR A 401 17.64 -0.89 11.12
CA TYR A 401 17.73 -0.61 12.54
C TYR A 401 16.60 -1.22 13.35
N ASN A 402 16.24 -2.48 13.02
CA ASN A 402 15.30 -3.23 13.87
C ASN A 402 14.01 -2.50 14.15
N PRO A 403 13.23 -2.17 13.14
CA PRO A 403 12.04 -1.40 13.37
C PRO A 403 10.92 -2.25 13.95
N LEU A 404 9.93 -1.61 14.56
CA LEU A 404 8.63 -2.20 14.81
C LEU A 404 7.86 -2.17 13.50
N ILE A 405 7.31 -3.33 13.13
CA ILE A 405 6.61 -3.50 11.87
C ILE A 405 5.20 -4.02 12.02
N TYR A 406 4.26 -3.50 11.28
CA TYR A 406 2.96 -4.13 11.04
C TYR A 406 2.89 -4.40 9.55
N VAL A 407 2.46 -5.62 9.23
CA VAL A 407 2.19 -5.92 7.79
C VAL A 407 0.84 -5.31 7.47
N THR A 408 0.82 -4.28 6.68
CA THR A 408 -0.41 -3.49 6.51
C THR A 408 -1.22 -3.88 5.25
N GLU A 409 -0.65 -4.72 4.39
CA GLU A 409 -1.38 -5.30 3.28
C GLU A 409 -0.59 -6.57 2.89
N ASN A 410 -1.41 -7.56 2.48
CA ASN A 410 -0.90 -8.80 1.85
C ASN A 410 -2.14 -9.50 1.24
N GLY A 411 -2.17 -9.83 0.01
CA GLY A 411 -3.39 -10.48 -0.52
C GLY A 411 -3.18 -10.71 -2.03
N ILE A 412 -4.25 -11.27 -2.63
CA ILE A 412 -4.17 -11.70 -4.01
C ILE A 412 -5.51 -11.59 -4.67
N SER A 413 -5.55 -11.32 -5.96
CA SER A 413 -6.84 -11.17 -6.65
C SER A 413 -7.29 -12.50 -7.25
N THR A 414 -8.55 -12.51 -7.57
CA THR A 414 -9.14 -13.55 -8.43
C THR A 414 -9.88 -12.80 -9.52
N PRO A 415 -10.12 -13.39 -10.71
CA PRO A 415 -10.67 -12.63 -11.81
C PRO A 415 -12.10 -12.26 -11.64
N GLY A 416 -12.50 -11.08 -12.03
CA GLY A 416 -13.88 -10.65 -12.01
C GLY A 416 -14.75 -11.46 -13.02
N ASP A 417 -14.17 -12.22 -13.96
CA ASP A 417 -15.00 -12.99 -14.89
C ASP A 417 -15.52 -14.26 -14.22
N GLU A 418 -14.97 -14.64 -13.04
CA GLU A 418 -15.51 -15.84 -12.36
C GLU A 418 -16.95 -15.55 -11.88
N ASN A 419 -17.81 -16.60 -11.84
CA ASN A 419 -19.17 -16.34 -11.31
C ASN A 419 -19.04 -16.39 -9.79
N ARG A 420 -20.20 -16.15 -9.17
CA ARG A 420 -20.19 -16.09 -7.72
C ARG A 420 -19.69 -17.32 -7.02
N ASN A 421 -20.15 -18.51 -7.46
CA ASN A 421 -19.67 -19.74 -6.87
C ASN A 421 -18.19 -19.89 -7.00
N GLN A 422 -17.62 -19.63 -8.16
CA GLN A 422 -16.19 -19.75 -8.36
C GLN A 422 -15.49 -18.73 -7.47
N SER A 423 -16.04 -17.50 -7.42
CA SER A 423 -15.40 -16.46 -6.62
C SER A 423 -15.42 -16.74 -5.14
N MET A 424 -16.42 -17.41 -4.63
CA MET A 424 -16.52 -17.79 -3.26
C MET A 424 -15.53 -18.93 -2.97
N LEU A 425 -15.25 -19.79 -3.93
CA LEU A 425 -14.34 -20.89 -3.75
C LEU A 425 -12.92 -20.52 -4.10
N ASP A 426 -12.44 -19.62 -3.20
CA ASP A 426 -11.19 -18.91 -3.48
C ASP A 426 -10.02 -19.55 -2.76
N TYR A 427 -9.82 -20.86 -3.06
CA TYR A 427 -8.73 -21.64 -2.47
C TYR A 427 -7.36 -21.03 -2.83
N THR A 428 -7.26 -20.39 -3.99
CA THR A 428 -5.98 -19.75 -4.37
C THR A 428 -5.64 -18.66 -3.33
N ARG A 429 -6.62 -18.02 -2.75
CA ARG A 429 -6.40 -16.95 -1.80
C ARG A 429 -6.03 -17.53 -0.47
N ILE A 430 -6.62 -18.64 -0.01
CA ILE A 430 -6.18 -19.32 1.18
C ILE A 430 -4.70 -19.71 1.02
N ASP A 431 -4.31 -20.28 -0.12
CA ASP A 431 -2.92 -20.71 -0.30
C ASP A 431 -2.00 -19.50 -0.26
N TYR A 432 -2.41 -18.40 -0.90
CA TYR A 432 -1.53 -17.23 -0.83
C TYR A 432 -1.38 -16.76 0.60
N LEU A 433 -2.48 -16.54 1.26
CA LEU A 433 -2.39 -15.98 2.61
C LEU A 433 -1.65 -16.87 3.57
N CYS A 434 -1.97 -18.15 3.57
CA CYS A 434 -1.34 -19.06 4.52
C CYS A 434 0.13 -19.25 4.25
N SER A 435 0.54 -19.24 2.98
CA SER A 435 1.96 -19.46 2.67
C SER A 435 2.75 -18.29 3.16
N HIS A 436 2.22 -17.08 3.04
CA HIS A 436 2.90 -15.90 3.57
C HIS A 436 2.89 -15.91 5.07
N LEU A 437 1.75 -16.23 5.71
CA LEU A 437 1.73 -16.27 7.18
C LEU A 437 2.73 -17.29 7.69
N CYS A 438 2.90 -18.42 7.03
CA CYS A 438 3.88 -19.38 7.52
C CYS A 438 5.24 -18.73 7.54
N PHE A 439 5.65 -18.08 6.45
CA PHE A 439 6.96 -17.43 6.41
C PHE A 439 7.05 -16.30 7.38
N LEU A 440 5.99 -15.60 7.65
CA LEU A 440 6.01 -14.49 8.58
C LEU A 440 6.27 -15.03 9.98
N ASN A 441 5.57 -16.08 10.35
CA ASN A 441 5.86 -16.71 11.67
C ASN A 441 7.30 -17.19 11.69
N LYS A 442 7.76 -17.81 10.61
CA LYS A 442 9.15 -18.29 10.59
C LYS A 442 10.17 -17.19 10.75
N VAL A 443 9.98 -16.01 10.11
CA VAL A 443 10.98 -14.97 10.28
C VAL A 443 10.92 -14.36 11.65
N ILE A 444 9.74 -14.24 12.20
CA ILE A 444 9.67 -13.71 13.58
C ILE A 444 10.43 -14.66 14.50
N LYS A 445 10.26 -15.97 14.39
CA LYS A 445 10.91 -16.91 15.27
C LYS A 445 12.39 -17.03 15.02
N GLU A 446 12.82 -17.00 13.76
CA GLU A 446 14.19 -17.29 13.41
C GLU A 446 15.05 -16.06 13.42
N LYS A 447 14.51 -14.94 13.09
CA LYS A 447 15.31 -13.70 12.96
C LYS A 447 14.92 -12.69 14.01
N ASP A 448 13.90 -12.90 14.78
CA ASP A 448 13.49 -11.98 15.84
C ASP A 448 13.09 -10.63 15.29
N VAL A 449 12.47 -10.61 14.09
CA VAL A 449 11.96 -9.39 13.54
C VAL A 449 10.81 -8.92 14.39
N ASN A 450 10.72 -7.63 14.70
CA ASN A 450 9.66 -7.09 15.55
C ASN A 450 8.40 -6.76 14.77
N VAL A 451 7.76 -7.84 14.31
CA VAL A 451 6.48 -7.73 13.60
C VAL A 451 5.37 -7.94 14.60
N LYS A 452 4.34 -7.08 14.75
CA LYS A 452 3.31 -7.16 15.77
C LYS A 452 1.87 -7.28 15.26
N GLY A 453 1.77 -7.33 13.88
CA GLY A 453 0.44 -7.59 13.36
C GLY A 453 0.48 -7.78 11.84
N TYR A 454 -0.66 -8.25 11.34
CA TYR A 454 -0.85 -8.59 9.95
C TYR A 454 -2.29 -8.30 9.54
N LEU A 455 -2.39 -7.51 8.50
CA LEU A 455 -3.71 -7.04 7.96
C LEU A 455 -3.74 -7.46 6.49
N ALA A 456 -4.57 -8.44 6.18
CA ALA A 456 -4.70 -8.93 4.80
C ALA A 456 -5.50 -7.91 3.98
N TRP A 457 -5.09 -7.81 2.72
CA TRP A 457 -5.82 -7.05 1.71
C TRP A 457 -6.82 -8.06 1.08
N ALA A 458 -8.08 -7.85 0.97
CA ALA A 458 -8.88 -6.78 1.48
C ALA A 458 -10.00 -7.33 2.28
N LEU A 459 -10.64 -6.53 3.12
CA LEU A 459 -11.81 -6.95 3.87
C LEU A 459 -12.86 -7.52 2.93
N GLY A 460 -13.13 -6.82 1.86
CA GLY A 460 -14.11 -7.19 0.88
C GLY A 460 -13.74 -6.79 -0.50
N ASP A 461 -14.48 -7.25 -1.51
CA ASP A 461 -14.32 -6.86 -2.87
C ASP A 461 -14.53 -5.36 -2.97
N ASN A 462 -13.82 -4.66 -3.80
CA ASN A 462 -13.85 -3.21 -3.85
C ASN A 462 -13.40 -2.74 -5.25
N TYR A 463 -13.36 -1.42 -5.42
CA TYR A 463 -12.80 -0.92 -6.69
C TYR A 463 -11.29 -1.09 -6.57
N GLU A 464 -10.63 -1.73 -7.49
CA GLU A 464 -9.20 -1.94 -7.52
C GLU A 464 -8.58 -0.87 -8.40
N PHE A 465 -7.67 -0.07 -7.85
CA PHE A 465 -6.98 0.95 -8.63
C PHE A 465 -6.50 0.29 -9.89
N ASN A 466 -6.69 0.91 -11.05
CA ASN A 466 -6.20 0.50 -12.36
C ASN A 466 -7.06 -0.62 -12.92
N LYS A 467 -7.81 -1.35 -12.18
CA LYS A 467 -8.48 -2.53 -12.69
C LYS A 467 -9.96 -2.48 -12.59
N GLY A 468 -10.55 -1.46 -12.02
CA GLY A 468 -11.99 -1.40 -11.89
C GLY A 468 -12.51 -2.51 -11.05
N PHE A 469 -13.55 -3.24 -11.48
CA PHE A 469 -14.14 -4.33 -10.84
C PHE A 469 -13.84 -5.61 -11.59
N THR A 470 -12.74 -5.60 -12.39
CA THR A 470 -12.36 -6.77 -13.20
C THR A 470 -11.58 -7.76 -12.42
N VAL A 471 -11.19 -7.47 -11.16
CA VAL A 471 -10.55 -8.40 -10.29
C VAL A 471 -11.19 -8.23 -8.91
N ARG A 472 -11.13 -9.23 -8.06
CA ARG A 472 -11.61 -9.22 -6.71
C ARG A 472 -10.48 -9.54 -5.76
N PHE A 473 -10.31 -8.81 -4.66
CA PHE A 473 -9.35 -9.05 -3.65
C PHE A 473 -9.91 -9.41 -2.31
N GLY A 474 -11.24 -9.36 -2.11
CA GLY A 474 -11.80 -9.53 -0.84
C GLY A 474 -11.67 -10.90 -0.24
N LEU A 475 -11.67 -10.93 1.11
CA LEU A 475 -11.87 -12.16 1.86
C LEU A 475 -13.39 -12.34 1.99
N SER A 476 -14.15 -11.31 1.74
CA SER A 476 -15.60 -11.36 1.64
C SER A 476 -16.03 -10.87 0.27
N TYR A 477 -17.13 -11.53 -0.25
CA TYR A 477 -17.65 -11.25 -1.57
C TYR A 477 -18.79 -10.22 -1.56
N ILE A 478 -18.70 -9.34 -2.56
CA ILE A 478 -19.76 -8.32 -2.74
C ILE A 478 -20.33 -8.48 -4.13
N ASP A 479 -21.68 -8.53 -4.21
CA ASP A 479 -22.41 -8.61 -5.46
C ASP A 479 -22.56 -7.18 -6.00
N TRP A 480 -22.00 -6.87 -7.17
CA TRP A 480 -22.07 -5.52 -7.68
C TRP A 480 -23.46 -5.09 -8.10
N ASN A 481 -24.38 -6.03 -8.23
CA ASN A 481 -25.76 -5.66 -8.50
C ASN A 481 -26.53 -5.36 -7.24
N ASN A 482 -26.00 -5.63 -6.08
CA ASN A 482 -26.60 -5.35 -4.80
C ASN A 482 -25.58 -5.47 -3.72
N VAL A 483 -24.91 -4.34 -3.48
CA VAL A 483 -23.72 -4.31 -2.65
C VAL A 483 -23.88 -4.40 -1.15
N THR A 484 -25.06 -4.50 -0.62
CA THR A 484 -25.22 -4.48 0.83
C THR A 484 -24.41 -5.52 1.57
N ASP A 485 -24.57 -6.77 1.16
CA ASP A 485 -23.89 -7.85 1.81
C ASP A 485 -22.39 -7.98 1.55
N ARG A 486 -21.67 -8.44 2.56
CA ARG A 486 -20.29 -8.89 2.42
C ARG A 486 -20.26 -10.33 2.95
N ASP A 487 -20.16 -11.28 2.04
CA ASP A 487 -20.31 -12.68 2.48
C ASP A 487 -18.93 -13.32 2.51
N LEU A 488 -18.54 -13.90 3.65
CA LEU A 488 -17.20 -14.53 3.76
C LEU A 488 -17.03 -15.56 2.69
N LYS A 489 -15.94 -15.52 1.95
CA LYS A 489 -15.53 -16.49 0.99
C LYS A 489 -14.91 -17.67 1.73
N LYS A 490 -14.47 -18.70 1.03
CA LYS A 490 -13.67 -19.79 1.63
C LYS A 490 -12.45 -19.20 2.37
N SER A 491 -11.85 -18.17 1.77
CA SER A 491 -10.68 -17.57 2.46
C SER A 491 -11.14 -16.90 3.73
N GLY A 492 -12.23 -16.09 3.73
CA GLY A 492 -12.67 -15.54 5.00
C GLY A 492 -13.00 -16.55 6.06
N GLN A 493 -13.64 -17.64 5.61
CA GLN A 493 -13.93 -18.69 6.55
C GLN A 493 -12.74 -19.40 7.10
N TRP A 494 -11.72 -19.59 6.27
CA TRP A 494 -10.45 -20.12 6.69
C TRP A 494 -9.77 -19.15 7.68
N TYR A 495 -9.77 -17.85 7.35
CA TYR A 495 -9.10 -16.87 8.19
C TYR A 495 -9.79 -16.81 9.52
N GLN A 496 -11.09 -16.95 9.57
CA GLN A 496 -11.82 -17.01 10.86
C GLN A 496 -11.28 -18.14 11.71
N SER A 497 -11.12 -19.33 11.06
CA SER A 497 -10.62 -20.46 11.85
C SER A 497 -9.16 -20.28 12.21
N PHE A 498 -8.31 -19.69 11.34
CA PHE A 498 -6.94 -19.37 11.72
C PHE A 498 -6.88 -18.47 12.92
N ILE A 499 -7.74 -17.47 12.94
CA ILE A 499 -7.74 -16.52 14.06
C ILE A 499 -8.20 -17.18 15.36
N SER A 500 -9.26 -17.97 15.26
CA SER A 500 -9.84 -18.62 16.44
C SER A 500 -9.99 -20.14 16.19
N PRO A 501 -8.77 -20.80 16.36
CA PRO A 501 -8.68 -22.21 15.94
C PRO A 501 -9.36 -23.18 16.88
C1 NAG B . 12.62 16.92 -17.92
C2 NAG B . 12.58 17.26 -19.41
C3 NAG B . 14.13 17.26 -19.63
C4 NAG B . 14.84 18.26 -18.79
C5 NAG B . 14.52 18.01 -17.41
C6 NAG B . 15.05 19.10 -16.36
C7 NAG B . 10.81 16.44 -20.65
C8 NAG B . 10.38 15.18 -21.51
N2 NAG B . 11.93 16.16 -20.06
O3 NAG B . 14.28 17.48 -21.00
O4 NAG B . 16.27 17.88 -18.90
O5 NAG B . 13.06 18.04 -17.14
O6 NAG B . 14.34 20.33 -16.65
O7 NAG B . 10.33 17.42 -20.83
C1 NAG B . 17.06 18.93 -19.18
C2 NAG B . 18.53 18.62 -18.78
C3 NAG B . 19.32 19.73 -19.35
C4 NAG B . 18.82 20.13 -20.73
C5 NAG B . 17.17 20.35 -20.71
C6 NAG B . 16.99 20.59 -22.33
C7 NAG B . 18.91 17.44 -16.71
C8 NAG B . 18.83 17.55 -15.19
N2 NAG B . 18.74 18.62 -17.36
O3 NAG B . 20.68 19.26 -19.37
O4 NAG B . 19.30 21.45 -20.87
O5 NAG B . 16.82 18.96 -20.60
O6 NAG B . 17.42 19.41 -23.03
O7 NAG B . 18.78 16.35 -17.32
C1 NAG C . 24.56 -16.92 -15.85
C2 NAG C . 24.19 -17.52 -17.20
C3 NAG C . 25.55 -18.23 -17.59
C4 NAG C . 26.62 -17.17 -17.66
C5 NAG C . 26.75 -16.58 -16.27
C6 NAG C . 27.85 -15.51 -16.05
C7 NAG C . 22.08 -18.49 -17.76
C8 NAG C . 21.20 -19.71 -17.46
N2 NAG C . 23.16 -18.56 -16.95
O3 NAG C . 25.35 -18.77 -18.90
O4 NAG C . 27.88 -17.89 -17.92
O5 NAG C . 25.52 -15.87 -16.00
O6 NAG C . 27.66 -14.53 -17.09
O7 NAG C . 21.85 -17.62 -18.60
C1 NAG C . 28.63 -17.24 -18.90
C2 NAG C . 30.02 -17.96 -18.91
C3 NAG C . 30.83 -17.37 -20.03
C4 NAG C . 30.05 -17.56 -21.35
C5 NAG C . 28.71 -16.77 -21.23
C6 NAG C . 27.86 -16.91 -22.49
C7 NAG C . 30.88 -18.63 -16.74
C8 NAG C . 31.69 -18.30 -15.48
N2 NAG C . 30.74 -17.69 -17.65
O3 NAG C . 31.99 -18.24 -20.09
O4 NAG C . 30.82 -16.90 -22.32
O5 NAG C . 28.00 -17.39 -20.14
O6 NAG C . 26.67 -16.09 -22.25
O7 NAG C . 30.50 -19.84 -16.90
C1 BMA C . 30.97 -17.58 -23.55
C2 BMA C . 31.26 -16.56 -24.60
C3 BMA C . 31.48 -17.26 -25.87
C4 BMA C . 32.43 -18.42 -25.87
C5 BMA C . 32.09 -19.44 -24.70
C6 BMA C . 33.19 -20.45 -24.36
O2 BMA C . 32.41 -15.79 -24.19
O3 BMA C . 31.76 -16.37 -26.97
O4 BMA C . 32.34 -19.09 -27.15
O5 BMA C . 32.03 -18.57 -23.48
O6 BMA C . 34.51 -19.83 -24.20
C1 XYP C . 32.16 -14.47 -23.87
C2 XYP C . 33.35 -13.95 -23.08
C3 XYP C . 33.21 -12.46 -22.73
C4 XYP C . 32.98 -11.70 -24.05
C5 XYP C . 31.70 -12.28 -24.69
O2 XYP C . 33.30 -14.61 -21.79
O3 XYP C . 34.54 -12.08 -22.23
O4 XYP C . 32.82 -10.31 -23.83
O5 XYP C . 32.00 -13.65 -25.04
C1 FUC C . 25.04 -20.16 -18.90
C2 FUC C . 24.49 -20.55 -20.29
C3 FUC C . 25.67 -20.28 -21.32
C4 FUC C . 26.88 -21.09 -20.92
C5 FUC C . 27.31 -20.76 -19.50
C6 FUC C . 28.43 -21.74 -18.96
O2 FUC C . 23.53 -19.53 -20.75
O3 FUC C . 25.13 -20.93 -22.50
O4 FUC C . 26.53 -22.50 -21.00
O5 FUC C . 26.19 -20.95 -18.55
C1 NAG D . 24.14 8.98 6.18
C2 NAG D . 24.73 8.32 5.02
C3 NAG D . 26.15 8.81 4.96
C4 NAG D . 26.18 10.29 5.02
C5 NAG D . 25.53 10.71 6.37
C6 NAG D . 25.42 12.28 6.38
C7 NAG D . 23.81 6.17 4.30
C8 NAG D . 23.78 4.71 4.67
N2 NAG D . 24.52 6.91 5.17
O3 NAG D . 26.73 8.39 3.71
O4 NAG D . 27.56 10.72 5.07
O5 NAG D . 24.08 10.38 6.27
O6 NAG D . 24.76 12.76 7.56
O7 NAG D . 23.28 6.68 3.32
C1 NAG D . 27.82 11.76 4.22
C2 NAG D . 29.20 12.30 4.71
C3 NAG D . 29.58 13.37 3.79
C4 NAG D . 29.63 12.80 2.33
C5 NAG D . 28.27 12.18 1.94
C6 NAG D . 28.32 11.57 0.55
C7 NAG D . 29.59 12.48 7.02
C8 NAG D . 29.31 13.17 8.36
N2 NAG D . 29.02 13.04 5.99
O3 NAG D . 30.92 13.82 4.08
O4 NAG D . 29.71 13.96 1.52
O5 NAG D . 28.04 11.22 2.93
O6 NAG D . 26.95 11.21 0.27
O7 NAG D . 30.23 11.39 7.00
C1 BMA D . 30.73 14.10 0.67
C2 BMA D . 30.09 14.86 -0.45
C3 BMA D . 31.11 15.02 -1.43
C4 BMA D . 32.39 15.62 -0.82
C5 BMA D . 32.93 14.97 0.52
C6 BMA D . 33.85 15.57 1.61
O2 BMA D . 29.78 16.21 -0.10
O3 BMA D . 30.54 15.90 -2.50
O4 BMA D . 32.88 16.15 -2.01
O5 BMA D . 31.74 14.89 1.36
O6 BMA D . 33.54 16.95 1.91
C1 XYP D . 28.37 16.44 -0.01
C2 XYP D . 28.00 17.52 0.94
C3 XYP D . 26.44 17.89 0.84
C4 XYP D . 26.29 18.54 -0.54
C5 XYP D . 26.67 17.37 -1.47
O2 XYP D . 27.99 16.96 2.24
O3 XYP D . 26.12 18.74 1.99
O4 XYP D . 24.86 18.76 -0.66
O5 XYP D . 28.09 17.01 -1.26
C1 MAN D . 30.68 15.37 -3.82
C2 MAN D . 30.19 16.52 -4.71
C3 MAN D . 28.74 16.95 -4.51
C4 MAN D . 27.92 15.65 -4.85
C5 MAN D . 28.35 14.63 -3.72
C6 MAN D . 27.67 13.27 -4.02
O2 MAN D . 30.30 16.18 -6.09
O3 MAN D . 28.29 17.89 -5.55
O4 MAN D . 26.53 15.95 -4.71
O5 MAN D . 29.79 14.26 -3.88
O6 MAN D . 27.91 12.43 -2.91
C1 MAN D . 33.91 17.55 3.15
C2 MAN D . 33.32 19.04 3.20
C3 MAN D . 33.04 19.72 1.82
C4 MAN D . 34.43 19.74 1.10
C5 MAN D . 35.09 18.40 1.47
C6 MAN D . 35.77 17.19 1.04
O2 MAN D . 34.37 19.74 3.90
O3 MAN D . 32.55 21.07 1.94
O4 MAN D . 33.99 20.25 -0.23
O5 MAN D . 35.32 17.88 2.93
O6 MAN D . 36.92 17.20 0.21
C1 FUC D . 27.20 7.09 3.79
C2 FUC D . 27.47 6.52 2.36
C3 FUC D . 28.43 7.60 1.73
C4 FUC D . 29.73 7.63 2.45
C5 FUC D . 29.38 8.09 3.95
C6 FUC D . 30.69 7.76 4.75
O2 FUC D . 26.19 6.77 1.72
O3 FUC D . 28.69 7.24 0.37
O4 FUC D . 30.29 6.26 2.46
O5 FUC D . 28.45 7.11 4.44
C1 NAG E . -2.26 -24.29 16.38
C2 NAG E . -3.03 -25.49 16.88
C3 NAG E . -2.01 -26.07 17.81
C4 NAG E . -0.72 -26.32 17.02
C5 NAG E . -0.10 -24.99 16.52
C6 NAG E . 1.16 -25.15 15.72
C7 NAG E . -5.43 -25.68 17.28
C8 NAG E . -6.59 -25.38 18.15
N2 NAG E . -4.26 -25.11 17.62
O3 NAG E . -2.57 -27.32 18.18
O4 NAG E . 0.36 -26.86 17.81
O5 NAG E . -1.13 -24.52 15.60
O6 NAG E . 1.63 -23.82 15.46
O7 NAG E . -5.54 -26.39 16.36
C1 NAG F . -12.21 -14.61 20.04
C2 NAG F . -12.86 -15.99 20.28
C3 NAG F . -12.67 -16.13 21.78
C4 NAG F . -11.15 -16.07 22.02
C5 NAG F . -10.57 -14.69 21.58
C6 NAG F . -9.08 -14.61 21.70
C7 NAG F . -14.82 -16.54 18.82
C8 NAG F . -16.31 -16.46 18.76
N2 NAG F . -14.27 -15.90 19.89
O3 NAG F . -13.11 -17.45 22.06
O4 NAG F . -10.91 -16.18 23.44
O5 NAG F . -10.79 -14.65 20.14
O6 NAG F . -8.33 -15.66 21.16
O7 NAG F . -14.17 -17.12 18.09
C1 NAG G . 1.42 22.79 18.05
C2 NAG G . 2.25 23.16 16.89
C3 NAG G . 2.50 24.62 17.22
C4 NAG G . 1.09 25.19 17.44
C5 NAG G . 0.35 24.61 18.67
C6 NAG G . -1.01 25.19 18.85
C7 NAG G . 3.89 21.55 15.79
C8 NAG G . 3.72 20.91 14.49
N2 NAG G . 3.33 22.24 16.75
O3 NAG G . 2.99 25.25 16.07
O4 NAG G . 1.28 26.59 17.85
O5 NAG G . 0.11 23.19 18.38
O6 NAG G . -1.62 25.29 17.61
O7 NAG G . 4.89 21.24 16.29
C1 NAG H . -7.36 5.50 -24.10
C2 NAG H . -6.86 5.18 -25.47
C3 NAG H . -5.73 6.16 -25.69
C4 NAG H . -6.28 7.57 -25.60
C5 NAG H . -6.76 7.85 -24.17
C6 NAG H . -7.47 9.22 -24.08
C7 NAG H . -6.49 2.82 -26.10
C8 NAG H . -5.72 1.58 -25.88
N2 NAG H . -6.21 3.85 -25.28
O3 NAG H . -5.34 5.80 -27.02
O4 NAG H . -5.24 8.55 -25.75
O5 NAG H . -7.71 6.85 -23.85
O6 NAG H . -7.40 9.50 -22.64
O7 NAG H . -7.28 2.89 -26.92
C1 NAG I . 11.04 4.52 -25.75
C2 NAG I . 12.13 3.85 -26.56
C3 NAG I . 11.59 2.54 -27.12
C4 NAG I . 11.04 1.65 -25.99
C5 NAG I . 10.05 2.49 -25.12
C6 NAG I . 9.70 1.82 -23.78
C7 NAG I . 13.76 5.30 -27.80
C8 NAG I . 13.87 6.26 -28.92
N2 NAG I . 12.54 4.73 -27.66
O3 NAG I . 12.78 2.04 -27.74
O4 NAG I . 10.35 0.48 -26.42
O5 NAG I . 10.83 3.58 -24.67
O6 NAG I . 10.38 2.53 -22.75
O7 NAG I . 14.62 5.04 -27.09
C1 NAG J . -30.14 -6.57 -1.58
C2 NAG J . -31.60 -7.00 -1.62
C3 NAG J . -32.17 -6.83 -0.23
C4 NAG J . -31.27 -7.73 0.63
C5 NAG J . -29.82 -7.19 0.64
C6 NAG J . -28.94 -8.09 1.49
C7 NAG J . -32.75 -6.55 -3.76
C8 NAG J . -33.52 -5.51 -4.50
N2 NAG J . -32.22 -6.07 -2.60
O3 NAG J . -33.46 -7.45 -0.45
O4 NAG J . -31.78 -7.73 1.97
O5 NAG J . -29.35 -7.33 -0.68
O6 NAG J . -28.96 -9.39 0.97
O7 NAG J . -32.63 -7.62 -4.15
C1 GOX K . -1.97 -2.11 -2.94
N1 GOX K . -0.63 -2.03 -2.85
C2 GOX K . -2.79 -0.86 -2.56
N5 GOX K . -2.45 -3.30 -3.36
O7 GOX K . 0.16 -2.99 -3.28
O2 GOX K . -2.31 -0.12 -1.43
C3 GOX K . -4.26 -1.21 -2.50
O3 GOX K . -4.95 0.04 -2.56
C4 GOX K . -4.56 -2.14 -3.70
O4 GOX K . -5.96 -2.37 -3.79
C5 GOX K . -3.89 -3.53 -3.37
C6 GOX K . -4.08 -4.66 -4.37
O6 GOX K . -3.57 -4.31 -5.66
ZN ZN L . -18.75 9.50 -11.60
S SO4 M . 2.61 22.27 -15.06
O1 SO4 M . 3.79 21.53 -15.40
O2 SO4 M . 2.99 23.67 -14.65
O3 SO4 M . 1.68 21.55 -14.34
O4 SO4 M . 1.96 22.52 -16.42
S SO4 N . -7.41 30.55 0.89
O1 SO4 N . -6.44 30.72 2.01
O2 SO4 N . -8.57 29.70 1.25
O3 SO4 N . -6.64 29.94 -0.26
O4 SO4 N . -7.89 31.88 0.38
S SO4 O . 6.40 -2.66 -11.66
S SO4 O . 4.38 -0.67 -11.12
O1 SO4 O . 7.40 -1.86 -10.71
O1 SO4 O . 3.76 0.24 -10.08
O2 SO4 O . 5.17 -2.49 -10.73
O2 SO4 O . 3.99 -2.05 -10.65
O3 SO4 O . 7.32 -3.80 -11.86
O3 SO4 O . 5.83 -0.66 -11.04
O4 SO4 O . 5.92 -1.86 -12.79
O4 SO4 O . 3.78 -0.31 -12.45
S SO4 P . 8.24 -26.69 -1.09
O1 SO4 P . 8.96 -25.60 -0.51
O2 SO4 P . 7.92 -27.71 -0.04
O3 SO4 P . 9.07 -27.36 -2.07
O4 SO4 P . 7.04 -26.21 -1.72
S SO4 Q . 27.59 -3.37 -13.20
O1 SO4 Q . 27.84 -4.80 -12.75
O2 SO4 Q . 26.58 -3.97 -14.35
O3 SO4 Q . 28.53 -2.80 -14.18
O4 SO4 Q . 26.68 -2.51 -12.47
S SO4 R . -11.59 22.98 13.03
O1 SO4 R . -10.89 22.31 14.19
O2 SO4 R . -11.83 24.42 13.52
O3 SO4 R . -12.90 22.27 12.97
O4 SO4 R . -10.90 23.25 11.71
S SO4 S . -11.27 1.83 -24.17
O1 SO4 S . -10.97 1.13 -22.86
O2 SO4 S . -11.86 0.78 -25.08
O3 SO4 S . -10.02 2.41 -24.74
O4 SO4 S . -12.30 2.91 -24.02
C1 GOL T . -6.39 14.36 -12.37
O1 GOL T . -6.30 13.28 -13.34
O1 GOL T . -6.95 13.92 -11.21
C2 GOL T . -5.62 15.55 -12.83
O2 GOL T . -5.65 16.74 -12.07
C3 GOL T . -5.93 15.99 -14.28
O3 GOL T . -7.25 16.37 -14.37
C1 GOL U . -3.47 7.37 26.91
O1 GOL U . -4.46 6.30 26.87
C2 GOL U . -2.17 6.96 27.48
O2 GOL U . -2.26 6.45 28.84
C3 GOL U . -0.98 7.89 27.16
O3 GOL U . -1.05 9.08 27.85
C1 GOL V . -10.55 -1.61 22.34
O1 GOL V . -10.56 -3.07 22.38
C2 GOL V . -9.11 -1.22 22.01
O2 GOL V . -8.18 -1.56 23.08
C3 GOL V . -8.66 -2.22 20.92
O3 GOL V . -7.43 -1.61 20.48
C1 GOL W . 35.00 -12.90 -14.42
O1 GOL W . 35.90 -12.56 -13.38
C2 GOL W . 33.68 -12.39 -13.86
O2 GOL W . 33.21 -13.35 -12.92
C3 GOL W . 32.73 -12.04 -15.01
O3 GOL W . 33.18 -12.73 -16.15
S SO4 X . 2.03 -2.45 -5.99
O1 SO4 X . 1.28 -1.44 -5.24
O2 SO4 X . 1.98 -3.74 -5.20
O3 SO4 X . 3.45 -2.08 -6.12
O4 SO4 X . 1.35 -2.78 -7.25
#